data_3FTU
#
_entry.id   3FTU
#
_cell.length_a   77.662
_cell.length_b   87.381
_cell.length_c   98.472
_cell.angle_alpha   90.00
_cell.angle_beta   90.00
_cell.angle_gamma   90.00
#
_symmetry.space_group_name_H-M   'P 21 21 21'
#
loop_
_entity.id
_entity.type
_entity.pdbx_description
1 polymer 'Leukotriene A-4 hydrolase'
2 non-polymer 'ZINC ION'
3 non-polymer 'YTTERBIUM (III) ION'
4 non-polymer 5-[2-(4-hydroxyphenyl)ethyl]benzene-1,3-diol
5 non-polymer 'ACETATE ION'
6 non-polymer IMIDAZOLE
7 water water
#
_entity_poly.entity_id   1
_entity_poly.type   'polypeptide(L)'
_entity_poly.pdbx_seq_one_letter_code
;MPEIVDTCSLASPASVCRTKHLHLRCSVDFTRRTLTGTAALTVQSQEDNLRSLVLDTKDLTIEKVVINGQEVKYALGERQ
SYKGSPMEISLPIALSKNQEIVIEISFETSPKSSALQWLTPEQTSGKEHPYLFSQCQAIHCRAILPCQDTPSVKLTYTAE
VSVPKELVALMSAIRDGETPDPEDPSRKIYKFIQKVPIPCYLIALVVGALESRQIGPRTLVWSEKEQVEKSAYEFSETES
MLKIAEDLGGPYVWGQYDLLVLPPSFPYGGMENPCLTFVTPTLLAGDKSLSNVIAHEISHSWTGNLVTNKTWDHFWLNEG
HTVYLERHICGRLFGEKFRHFNALGGWGELQNSVKTFGETHPFTKLVVDLTDIDPDVAYSSVPYEKGFALLFYLEQLLGG
PEIFLGFLKAYVEKFSYKSITTDDWKDFLYSYFKDKVDVLNQVDWNAWLYSPGLPPIKPNYDMTLTNACIALSQRWITAK
EDDLNSFNATDLKDLSSHQLNEFLAQTLQRAPLPLGHIKRMQEVYNFNAINNSEIRFRWLRLCIQSKWEDAIPLALKMAT
EQGRMKFTRPLFKDLAAFDKSHDQAVRTYQEHKASMHPVTAMLVGKDLKVD
;
_entity_poly.pdbx_strand_id   A
#
loop_
_chem_comp.id
_chem_comp.type
_chem_comp.name
_chem_comp.formula
ACT non-polymer 'ACETATE ION' 'C2 H3 O2 -1'
IMD non-polymer IMIDAZOLE 'C3 H5 N2 1'
RE2 non-polymer 5-[2-(4-hydroxyphenyl)ethyl]benzene-1,3-diol 'C14 H14 O3'
YB non-polymer 'YTTERBIUM (III) ION' 'Yb 3'
ZN non-polymer 'ZINC ION' 'Zn 2'
#
# COMPACT_ATOMS: atom_id res chain seq x y z
N VAL A 5 20.82 -1.18 11.71
CA VAL A 5 20.53 -2.61 11.28
C VAL A 5 19.05 -2.82 10.94
N ASP A 6 18.78 -3.53 9.86
CA ASP A 6 17.40 -3.83 9.50
C ASP A 6 17.01 -5.22 9.98
N THR A 7 16.24 -5.28 11.07
CA THR A 7 15.89 -6.56 11.69
C THR A 7 14.90 -7.44 10.93
N CYS A 8 14.31 -6.91 9.84
CA CYS A 8 13.49 -7.72 8.96
C CYS A 8 14.29 -8.38 7.83
N SER A 9 15.58 -8.05 7.70
CA SER A 9 16.40 -8.59 6.62
C SER A 9 17.48 -9.52 7.15
N LEU A 10 17.72 -10.61 6.44
CA LEU A 10 18.77 -11.56 6.78
C LEU A 10 20.08 -11.29 5.99
N ALA A 11 20.02 -10.33 5.09
CA ALA A 11 21.13 -10.03 4.20
C ALA A 11 22.19 -9.13 4.85
N SER A 12 23.36 -9.07 4.23
CA SER A 12 24.41 -8.16 4.70
C SER A 12 23.87 -6.78 4.67
N PRO A 13 24.20 -6.00 5.70
CA PRO A 13 23.71 -4.65 5.75
C PRO A 13 24.50 -3.69 4.85
N ALA A 14 23.97 -2.48 4.71
CA ALA A 14 24.49 -1.45 3.83
C ALA A 14 25.89 -1.05 4.26
N SER A 15 26.24 -1.35 5.51
CA SER A 15 27.54 -0.98 6.04
C SER A 15 28.63 -1.94 5.53
N VAL A 16 28.19 -3.09 5.01
CA VAL A 16 29.08 -4.18 4.57
C VAL A 16 29.20 -4.11 3.03
N CYS A 17 28.04 -4.06 2.33
CA CYS A 17 28.01 -3.95 0.88
C CYS A 17 26.66 -3.42 0.45
N ARG A 18 26.60 -2.85 -0.73
CA ARG A 18 25.41 -2.20 -1.24
CA ARG A 18 25.40 -2.19 -1.24
C ARG A 18 25.19 -2.57 -2.68
N THR A 19 23.99 -3.05 -2.97
CA THR A 19 23.62 -3.30 -4.37
C THR A 19 23.40 -1.97 -5.04
N LYS A 20 24.11 -1.71 -6.14
CA LYS A 20 23.90 -0.54 -6.97
C LYS A 20 22.89 -0.74 -8.12
N HIS A 21 22.80 -1.96 -8.63
CA HIS A 21 22.03 -2.17 -9.86
C HIS A 21 21.59 -3.63 -9.90
N LEU A 22 20.41 -3.83 -10.44
CA LEU A 22 19.90 -5.17 -10.76
C LEU A 22 19.61 -5.23 -12.23
N HIS A 23 20.17 -6.23 -12.88
CA HIS A 23 19.67 -6.54 -14.20
C HIS A 23 18.90 -7.87 -14.14
N LEU A 24 17.60 -7.80 -14.36
CA LEU A 24 16.74 -8.99 -14.28
C LEU A 24 16.37 -9.50 -15.68
N ARG A 25 16.69 -10.78 -15.96
CA ARG A 25 16.24 -11.43 -17.20
C ARG A 25 15.43 -12.60 -16.71
N CYS A 26 14.14 -12.62 -17.06
CA CYS A 26 13.29 -13.68 -16.57
C CYS A 26 12.16 -14.03 -17.55
N SER A 27 11.52 -15.15 -17.29
CA SER A 27 10.47 -15.66 -18.16
C SER A 27 9.33 -16.02 -17.23
N VAL A 28 8.11 -15.63 -17.59
CA VAL A 28 6.95 -15.95 -16.80
C VAL A 28 6.28 -17.24 -17.32
N ASP A 29 6.35 -18.31 -16.54
CA ASP A 29 5.75 -19.58 -16.94
C ASP A 29 4.39 -19.79 -16.29
N PHE A 30 3.33 -19.49 -17.02
CA PHE A 30 2.00 -19.63 -16.43
C PHE A 30 1.59 -21.07 -16.13
N THR A 31 2.15 -21.98 -16.93
CA THR A 31 1.88 -23.41 -16.83
C THR A 31 2.40 -23.95 -15.52
N ARG A 32 3.53 -23.43 -15.05
CA ARG A 32 4.13 -23.89 -13.78
C ARG A 32 4.00 -22.86 -12.64
N ARG A 33 3.44 -21.70 -12.96
CA ARG A 33 3.34 -20.61 -12.00
C ARG A 33 4.73 -20.29 -11.40
N THR A 34 5.71 -20.16 -12.29
CA THR A 34 7.06 -19.79 -11.86
C THR A 34 7.58 -18.66 -12.72
N LEU A 35 8.42 -17.84 -12.10
CA LEU A 35 9.31 -16.96 -12.82
C LEU A 35 10.66 -17.60 -12.77
N THR A 36 11.33 -17.66 -13.91
CA THR A 36 12.63 -18.27 -13.99
C THR A 36 13.59 -17.33 -14.66
N GLY A 37 14.80 -17.24 -14.14
CA GLY A 37 15.82 -16.49 -14.86
C GLY A 37 17.04 -16.17 -14.06
N THR A 38 17.62 -15.02 -14.38
CA THR A 38 18.82 -14.52 -13.74
C THR A 38 18.62 -13.14 -13.11
N ALA A 39 19.19 -12.99 -11.93
CA ALA A 39 19.24 -11.71 -11.28
C ALA A 39 20.71 -11.39 -11.25
N ALA A 40 21.12 -10.39 -12.01
CA ALA A 40 22.51 -9.92 -11.97
C ALA A 40 22.65 -8.69 -11.12
N LEU A 41 23.27 -8.85 -9.95
CA LEU A 41 23.39 -7.78 -8.97
C LEU A 41 24.76 -7.14 -9.03
N THR A 42 24.80 -5.83 -9.27
CA THR A 42 26.06 -5.11 -9.19
C THR A 42 26.21 -4.61 -7.78
N VAL A 43 27.22 -5.13 -7.09
CA VAL A 43 27.37 -4.94 -5.66
C VAL A 43 28.68 -4.21 -5.40
N GLN A 44 28.61 -3.17 -4.57
CA GLN A 44 29.77 -2.40 -4.17
C GLN A 44 30.15 -2.72 -2.70
N SER A 45 31.37 -3.19 -2.49
CA SER A 45 31.82 -3.49 -1.14
C SER A 45 31.95 -2.19 -0.32
N GLN A 46 31.55 -2.21 0.95
CA GLN A 46 31.79 -1.05 1.80
C GLN A 46 32.87 -1.35 2.82
N GLU A 47 33.53 -2.49 2.66
CA GLU A 47 34.53 -2.96 3.64
C GLU A 47 35.77 -3.42 2.92
N ASP A 48 36.90 -3.33 3.63
CA ASP A 48 38.12 -3.99 3.20
C ASP A 48 38.01 -5.48 3.30
N ASN A 49 38.65 -6.19 2.36
CA ASN A 49 38.86 -7.64 2.44
C ASN A 49 37.54 -8.43 2.55
N LEU A 50 36.54 -8.02 1.76
CA LEU A 50 35.24 -8.63 1.77
C LEU A 50 35.30 -9.91 0.97
N ARG A 51 34.96 -11.01 1.62
CA ARG A 51 35.08 -12.33 1.03
C ARG A 51 33.79 -13.11 0.91
N SER A 52 32.74 -12.66 1.58
CA SER A 52 31.43 -13.25 1.40
C SER A 52 30.37 -12.19 1.65
N LEU A 53 29.16 -12.49 1.19
CA LEU A 53 28.04 -11.62 1.53
C LEU A 53 26.78 -12.47 1.61
N VAL A 54 25.73 -11.93 2.24
CA VAL A 54 24.53 -12.75 2.43
C VAL A 54 23.34 -12.01 1.77
N LEU A 55 22.51 -12.78 1.07
CA LEU A 55 21.28 -12.23 0.50
C LEU A 55 20.01 -12.81 1.14
N ASP A 56 18.92 -12.03 1.07
CA ASP A 56 17.58 -12.50 1.43
C ASP A 56 17.01 -13.39 0.33
N THR A 57 16.35 -14.50 0.71
CA THR A 57 15.57 -15.29 -0.24
C THR A 57 14.31 -15.79 0.46
N LYS A 58 13.30 -16.23 -0.30
CA LYS A 58 12.10 -16.83 0.31
C LYS A 58 11.45 -17.73 -0.70
N ASP A 59 11.51 -19.05 -0.45
CA ASP A 59 10.96 -20.03 -1.38
C ASP A 59 11.53 -19.92 -2.79
N LEU A 60 12.81 -19.57 -2.88
CA LEU A 60 13.51 -19.59 -4.17
C LEU A 60 14.29 -20.88 -4.36
N THR A 61 14.32 -21.32 -5.59
CA THR A 61 15.19 -22.41 -6.01
C THR A 61 16.40 -21.78 -6.68
N ILE A 62 17.58 -21.95 -6.07
CA ILE A 62 18.81 -21.45 -6.69
C ILE A 62 19.48 -22.57 -7.50
N GLU A 63 19.72 -22.31 -8.78
CA GLU A 63 20.36 -23.26 -9.69
C GLU A 63 21.88 -23.13 -9.64
N LYS A 64 22.37 -21.92 -9.87
CA LYS A 64 23.79 -21.61 -9.76
C LYS A 64 23.98 -20.10 -9.53
N VAL A 65 25.22 -19.76 -9.16
CA VAL A 65 25.66 -18.39 -8.92
C VAL A 65 26.99 -18.22 -9.66
N VAL A 66 27.00 -17.33 -10.64
CA VAL A 66 28.14 -17.11 -11.52
C VAL A 66 28.75 -15.73 -11.24
N ILE A 67 30.06 -15.68 -11.01
CA ILE A 67 30.88 -14.45 -10.95
C ILE A 67 32.16 -14.57 -11.81
N ASN A 68 32.55 -13.49 -12.49
CA ASN A 68 33.64 -13.52 -13.48
C ASN A 68 33.57 -14.77 -14.36
N GLY A 69 32.38 -15.14 -14.82
CA GLY A 69 32.22 -16.26 -15.73
C GLY A 69 32.35 -17.66 -15.14
N GLN A 70 32.54 -17.76 -13.82
CA GLN A 70 32.70 -19.06 -13.15
C GLN A 70 31.67 -19.24 -12.05
N GLU A 71 31.21 -20.47 -11.86
CA GLU A 71 30.30 -20.78 -10.76
C GLU A 71 31.04 -20.72 -9.42
N VAL A 72 30.40 -20.13 -8.42
CA VAL A 72 30.98 -20.01 -7.09
C VAL A 72 30.13 -20.72 -6.07
N LYS A 73 30.70 -20.89 -4.87
CA LYS A 73 30.04 -21.55 -3.73
C LYS A 73 29.01 -20.62 -3.07
N TYR A 74 27.89 -21.18 -2.64
CA TYR A 74 26.89 -20.46 -1.87
C TYR A 74 26.18 -21.48 -1.01
N ALA A 75 25.53 -21.02 0.03
CA ALA A 75 24.83 -21.89 0.95
C ALA A 75 23.53 -21.23 1.39
N LEU A 76 22.47 -22.03 1.52
CA LEU A 76 21.21 -21.55 2.05
C LEU A 76 21.08 -21.92 3.51
N GLY A 77 20.85 -20.92 4.35
CA GLY A 77 20.62 -21.17 5.75
C GLY A 77 19.22 -21.75 5.95
N GLU A 78 18.95 -22.13 7.18
CA GLU A 78 17.65 -22.62 7.62
C GLU A 78 16.58 -21.52 7.50
N ARG A 79 15.38 -21.90 7.04
CA ARG A 79 14.27 -20.96 7.00
C ARG A 79 14.03 -20.33 8.35
N GLN A 80 13.88 -19.01 8.38
CA GLN A 80 13.51 -18.28 9.60
C GLN A 80 12.12 -17.67 9.41
N SER A 81 11.14 -18.54 9.30
CA SER A 81 9.75 -18.12 9.23
C SER A 81 9.50 -17.15 8.05
N TYR A 82 8.84 -16.03 8.34
CA TYR A 82 8.42 -15.07 7.28
C TYR A 82 9.62 -14.32 6.69
N LYS A 83 10.79 -14.40 7.34
CA LYS A 83 11.99 -13.80 6.77
C LYS A 83 12.59 -14.62 5.62
N GLY A 84 12.23 -15.91 5.48
CA GLY A 84 12.83 -16.77 4.46
C GLY A 84 14.19 -17.35 4.91
N SER A 85 15.02 -17.73 3.94
CA SER A 85 16.34 -18.33 4.18
C SER A 85 17.49 -17.41 3.72
N PRO A 86 18.50 -17.18 4.59
CA PRO A 86 19.67 -16.42 4.13
C PRO A 86 20.53 -17.18 3.14
N MET A 87 21.05 -16.46 2.14
CA MET A 87 21.88 -17.06 1.10
C MET A 87 23.30 -16.45 1.13
N GLU A 88 24.26 -17.26 1.59
CA GLU A 88 25.65 -16.83 1.70
C GLU A 88 26.37 -17.19 0.41
N ILE A 89 26.96 -16.18 -0.22
CA ILE A 89 27.74 -16.37 -1.43
C ILE A 89 29.23 -16.16 -1.09
N SER A 90 30.08 -17.12 -1.47
CA SER A 90 31.52 -17.02 -1.23
C SER A 90 32.17 -16.33 -2.43
N LEU A 91 32.78 -15.19 -2.22
CA LEU A 91 33.33 -14.41 -3.35
C LEU A 91 34.64 -15.07 -3.85
N PRO A 92 34.85 -15.13 -5.18
CA PRO A 92 36.07 -15.79 -5.67
C PRO A 92 37.36 -15.02 -5.39
N ILE A 93 37.26 -13.69 -5.23
CA ILE A 93 38.42 -12.86 -4.88
C ILE A 93 38.00 -11.81 -3.85
N ALA A 94 38.76 -11.67 -2.76
CA ALA A 94 38.44 -10.66 -1.74
C ALA A 94 38.35 -9.26 -2.36
N LEU A 95 37.38 -8.45 -1.90
CA LEU A 95 37.14 -7.12 -2.44
C LEU A 95 37.62 -6.07 -1.50
N SER A 96 38.16 -5.00 -2.07
CA SER A 96 38.55 -3.87 -1.24
C SER A 96 37.39 -2.87 -1.22
N LYS A 97 37.47 -1.88 -0.33
CA LYS A 97 36.37 -0.93 -0.14
C LYS A 97 36.06 -0.16 -1.40
N ASN A 98 34.77 -0.19 -1.79
CA ASN A 98 34.24 0.56 -2.93
C ASN A 98 34.45 -0.19 -4.23
N GLN A 99 35.04 -1.38 -4.18
CA GLN A 99 35.15 -2.19 -5.36
C GLN A 99 33.79 -2.80 -5.71
N GLU A 100 33.52 -2.91 -7.00
CA GLU A 100 32.24 -3.38 -7.47
C GLU A 100 32.37 -4.67 -8.25
N ILE A 101 31.53 -5.65 -7.95
CA ILE A 101 31.44 -6.82 -8.83
C ILE A 101 30.00 -7.12 -9.21
N VAL A 102 29.82 -8.00 -10.20
CA VAL A 102 28.50 -8.45 -10.68
C VAL A 102 28.31 -9.91 -10.34
N ILE A 103 27.25 -10.20 -9.58
CA ILE A 103 26.89 -11.55 -9.20
C ILE A 103 25.63 -11.97 -9.93
N GLU A 104 25.75 -12.99 -10.75
CA GLU A 104 24.64 -13.43 -11.55
C GLU A 104 24.05 -14.72 -10.97
N ILE A 105 22.86 -14.60 -10.38
CA ILE A 105 22.21 -15.73 -9.75
C ILE A 105 21.09 -16.31 -10.61
N SER A 106 21.17 -17.62 -10.85
CA SER A 106 20.13 -18.32 -11.57
C SER A 106 19.13 -18.92 -10.57
N PHE A 107 17.86 -18.56 -10.72
CA PHE A 107 16.88 -18.90 -9.69
C PHE A 107 15.52 -19.18 -10.35
N GLU A 108 14.62 -19.71 -9.53
CA GLU A 108 13.26 -19.95 -9.95
C GLU A 108 12.38 -19.68 -8.74
N THR A 109 11.24 -19.04 -8.95
CA THR A 109 10.31 -18.83 -7.82
C THR A 109 9.45 -20.07 -7.59
N SER A 110 8.83 -20.12 -6.41
CA SER A 110 7.81 -21.13 -6.08
C SER A 110 6.41 -20.61 -6.45
N PRO A 111 5.52 -21.51 -6.93
CA PRO A 111 4.14 -21.10 -7.18
C PRO A 111 3.47 -20.44 -5.98
N LYS A 112 4.03 -20.69 -4.79
CA LYS A 112 3.51 -20.12 -3.56
C LYS A 112 4.19 -18.84 -3.07
N SER A 113 5.08 -18.26 -3.88
CA SER A 113 5.67 -16.93 -3.60
C SER A 113 4.65 -15.99 -2.98
N SER A 114 5.00 -15.42 -1.84
CA SER A 114 4.08 -14.53 -1.13
C SER A 114 4.09 -13.15 -1.76
N ALA A 115 5.03 -12.93 -2.68
CA ALA A 115 5.08 -11.73 -3.49
C ALA A 115 4.02 -11.66 -4.62
N LEU A 116 3.49 -12.81 -5.02
CA LEU A 116 2.83 -12.96 -6.31
C LEU A 116 1.44 -13.52 -6.15
N GLN A 117 0.52 -13.04 -6.99
CA GLN A 117 -0.70 -13.78 -7.20
C GLN A 117 -0.84 -14.15 -8.68
N TRP A 118 -1.08 -15.45 -8.91
CA TRP A 118 -1.29 -16.01 -10.23
C TRP A 118 -2.79 -16.25 -10.40
N LEU A 119 -3.41 -15.65 -11.41
CA LEU A 119 -4.85 -15.72 -11.58
C LEU A 119 -5.12 -16.58 -12.80
N THR A 120 -6.16 -17.43 -12.72
CA THR A 120 -6.59 -18.23 -13.87
C THR A 120 -7.40 -17.33 -14.81
N PRO A 121 -7.67 -17.79 -16.04
CA PRO A 121 -8.47 -16.90 -16.88
C PRO A 121 -9.85 -16.60 -16.30
N GLU A 122 -10.40 -17.54 -15.53
CA GLU A 122 -11.72 -17.35 -14.93
C GLU A 122 -11.75 -16.26 -13.86
N GLN A 123 -10.60 -15.97 -13.25
CA GLN A 123 -10.48 -14.92 -12.22
C GLN A 123 -10.26 -13.53 -12.78
N THR A 124 -10.18 -13.44 -14.11
CA THR A 124 -10.01 -12.14 -14.82
C THR A 124 -11.31 -11.66 -15.48
N SER A 125 -11.29 -10.47 -16.05
CA SER A 125 -12.44 -9.88 -16.73
C SER A 125 -12.72 -10.49 -18.11
N GLY A 126 -11.67 -10.81 -18.86
CA GLY A 126 -11.79 -11.18 -20.26
C GLY A 126 -12.05 -12.67 -20.38
N LYS A 127 -11.55 -13.43 -19.41
CA LYS A 127 -11.88 -14.85 -19.26
C LYS A 127 -11.15 -15.75 -20.22
N GLU A 128 -10.24 -15.18 -21.02
CA GLU A 128 -9.49 -15.98 -21.99
C GLU A 128 -8.02 -16.12 -21.63
N HIS A 129 -7.51 -15.22 -20.78
CA HIS A 129 -6.06 -15.23 -20.49
C HIS A 129 -5.81 -15.17 -19.01
N PRO A 130 -4.69 -15.77 -18.55
CA PRO A 130 -4.35 -15.68 -17.15
C PRO A 130 -3.70 -14.32 -16.85
N TYR A 131 -3.24 -14.14 -15.62
CA TYR A 131 -2.79 -12.81 -15.22
C TYR A 131 -1.85 -12.99 -14.03
N LEU A 132 -0.79 -12.22 -13.99
CA LEU A 132 0.10 -12.26 -12.80
C LEU A 132 0.37 -10.85 -12.28
N PHE A 133 0.32 -10.64 -10.95
CA PHE A 133 0.85 -9.36 -10.41
C PHE A 133 1.68 -9.59 -9.14
N SER A 134 2.63 -8.68 -8.92
CA SER A 134 3.45 -8.68 -7.71
C SER A 134 3.04 -7.58 -6.70
N GLN A 135 3.41 -7.81 -5.45
CA GLN A 135 3.24 -6.88 -4.36
C GLN A 135 4.40 -7.11 -3.37
N CYS A 136 5.49 -6.40 -3.61
CA CYS A 136 6.73 -6.65 -2.85
C CYS A 136 6.76 -6.02 -1.46
N GLN A 137 6.08 -4.91 -1.27
CA GLN A 137 6.15 -4.21 0.02
C GLN A 137 5.44 -5.12 1.04
N ALA A 138 5.94 -5.20 2.29
CA ALA A 138 7.24 -4.69 2.72
C ALA A 138 8.44 -5.61 2.37
N ILE A 139 8.35 -6.90 2.67
CA ILE A 139 9.50 -7.80 2.55
C ILE A 139 9.25 -9.07 1.74
N HIS A 140 8.59 -8.87 0.60
CA HIS A 140 8.31 -9.91 -0.35
C HIS A 140 9.17 -9.87 -1.58
N CYS A 141 9.98 -8.85 -1.79
CA CYS A 141 10.85 -8.91 -2.99
C CYS A 141 11.76 -10.16 -2.94
N ARG A 142 12.14 -10.56 -1.73
CA ARG A 142 13.01 -11.73 -1.55
C ARG A 142 12.31 -13.01 -2.03
N ALA A 143 10.98 -12.98 -2.10
CA ALA A 143 10.20 -14.10 -2.63
C ALA A 143 10.08 -14.09 -4.14
N ILE A 144 10.67 -13.09 -4.80
CA ILE A 144 10.80 -13.11 -6.26
C ILE A 144 12.24 -13.31 -6.69
N LEU A 145 13.21 -12.68 -6.00
CA LEU A 145 14.59 -12.74 -6.46
C LEU A 145 15.49 -12.55 -5.27
N PRO A 146 16.70 -13.12 -5.33
CA PRO A 146 17.61 -12.89 -4.19
C PRO A 146 18.13 -11.46 -4.19
N CYS A 147 18.08 -10.82 -3.03
CA CYS A 147 18.42 -9.41 -2.89
C CYS A 147 18.68 -9.01 -1.43
N GLN A 148 19.26 -7.83 -1.22
CA GLN A 148 19.27 -7.26 0.11
C GLN A 148 17.89 -6.62 0.31
N ASP A 149 16.99 -7.38 0.94
CA ASP A 149 15.56 -7.00 0.99
C ASP A 149 15.24 -6.07 2.12
N THR A 150 15.75 -4.85 1.97
CA THR A 150 15.74 -3.82 2.98
C THR A 150 15.69 -2.49 2.25
N PRO A 151 14.81 -1.58 2.71
CA PRO A 151 14.70 -0.27 2.06
C PRO A 151 15.87 0.68 2.38
N SER A 152 16.86 0.16 3.11
CA SER A 152 18.04 0.96 3.44
C SER A 152 19.04 0.99 2.29
N VAL A 153 18.77 0.18 1.27
CA VAL A 153 19.63 0.07 0.09
C VAL A 153 18.77 0.45 -1.14
N LYS A 154 19.33 1.31 -2.01
CA LYS A 154 18.66 1.77 -3.22
C LYS A 154 19.51 1.50 -4.43
N LEU A 155 18.83 0.98 -5.45
CA LEU A 155 19.49 0.53 -6.64
C LEU A 155 18.68 0.99 -7.85
N THR A 156 19.34 1.07 -9.01
CA THR A 156 18.64 1.23 -10.30
C THR A 156 18.45 -0.20 -10.84
N TYR A 157 17.61 -0.32 -11.86
CA TYR A 157 17.39 -1.63 -12.46
C TYR A 157 17.01 -1.59 -13.92
N THR A 158 17.35 -2.70 -14.61
CA THR A 158 16.93 -2.91 -15.96
C THR A 158 16.36 -4.31 -15.95
N ALA A 159 15.46 -4.61 -16.89
CA ALA A 159 14.82 -5.94 -16.89
C ALA A 159 14.37 -6.29 -18.29
N GLU A 160 14.37 -7.60 -18.57
CA GLU A 160 13.90 -8.18 -19.83
C GLU A 160 13.03 -9.35 -19.43
N VAL A 161 11.77 -9.33 -19.82
CA VAL A 161 10.79 -10.27 -19.29
C VAL A 161 10.06 -10.97 -20.46
N SER A 162 10.18 -12.27 -20.51
CA SER A 162 9.57 -13.03 -21.58
C SER A 162 8.23 -13.62 -21.10
N VAL A 163 7.20 -13.32 -21.87
CA VAL A 163 5.85 -13.71 -21.55
C VAL A 163 5.18 -14.25 -22.81
N PRO A 164 4.12 -15.04 -22.63
CA PRO A 164 3.36 -15.43 -23.82
C PRO A 164 3.08 -14.21 -24.72
N LYS A 165 3.21 -14.35 -26.05
CA LYS A 165 3.17 -13.16 -26.91
C LYS A 165 1.82 -12.44 -26.96
N GLU A 166 0.73 -13.11 -26.54
CA GLU A 166 -0.56 -12.44 -26.55
C GLU A 166 -0.79 -11.59 -25.31
N LEU A 167 0.16 -11.66 -24.37
CA LEU A 167 0.05 -10.94 -23.11
C LEU A 167 1.02 -9.77 -23.07
N VAL A 168 0.82 -8.85 -22.11
CA VAL A 168 1.65 -7.65 -21.94
C VAL A 168 2.30 -7.66 -20.56
N ALA A 169 3.60 -7.40 -20.53
CA ALA A 169 4.32 -7.12 -19.27
C ALA A 169 4.52 -5.60 -19.02
N LEU A 170 4.33 -5.20 -17.75
CA LEU A 170 4.68 -3.86 -17.30
C LEU A 170 5.42 -3.95 -15.96
N MET A 171 6.28 -2.98 -15.68
CA MET A 171 7.05 -2.92 -14.43
C MET A 171 7.09 -1.48 -13.95
N SER A 172 7.59 -1.32 -12.73
CA SER A 172 7.81 -0.02 -12.08
C SER A 172 9.03 0.70 -12.69
N ALA A 173 8.92 1.07 -13.96
CA ALA A 173 10.11 1.50 -14.71
C ALA A 173 9.63 2.10 -16.03
N ILE A 174 10.52 2.79 -16.77
CA ILE A 174 10.16 3.24 -18.10
C ILE A 174 10.20 2.05 -19.10
N ARG A 175 9.17 1.93 -19.94
CA ARG A 175 9.08 0.93 -20.99
CA ARG A 175 9.12 0.90 -20.94
C ARG A 175 10.20 1.15 -22.00
N ASP A 176 10.97 0.10 -22.30
CA ASP A 176 12.17 0.26 -23.10
C ASP A 176 12.19 -0.66 -24.33
N GLY A 177 11.03 -1.05 -24.83
CA GLY A 177 10.94 -1.81 -26.10
C GLY A 177 10.35 -3.17 -25.94
N GLU A 178 9.97 -3.77 -27.06
CA GLU A 178 9.47 -5.16 -27.05
C GLU A 178 9.95 -5.84 -28.34
N THR A 179 10.26 -7.14 -28.25
CA THR A 179 10.60 -7.95 -29.41
C THR A 179 10.18 -9.41 -29.24
N PRO A 180 10.10 -10.14 -30.38
CA PRO A 180 9.86 -11.57 -30.19
C PRO A 180 10.99 -12.17 -29.38
N ASP A 181 10.72 -13.24 -28.65
CA ASP A 181 11.75 -13.96 -27.94
C ASP A 181 12.46 -14.87 -28.96
N PRO A 182 13.79 -14.74 -29.10
CA PRO A 182 14.59 -15.61 -30.01
C PRO A 182 14.74 -17.06 -29.53
N GLU A 183 14.35 -17.32 -28.30
CA GLU A 183 14.43 -18.65 -27.74
C GLU A 183 13.09 -19.36 -27.79
N ASP A 184 12.05 -18.66 -28.30
CA ASP A 184 10.68 -19.16 -28.26
C ASP A 184 9.69 -18.17 -28.88
N PRO A 185 9.45 -18.29 -30.19
CA PRO A 185 8.54 -17.44 -30.99
C PRO A 185 7.08 -17.39 -30.50
N SER A 186 6.72 -18.21 -29.52
CA SER A 186 5.40 -18.08 -28.94
C SER A 186 5.41 -16.96 -27.87
N ARG A 187 6.53 -16.26 -27.76
CA ARG A 187 6.77 -15.36 -26.63
C ARG A 187 7.26 -14.00 -27.07
N LYS A 188 7.11 -13.04 -26.17
CA LYS A 188 7.59 -11.70 -26.41
C LYS A 188 8.46 -11.30 -25.22
N ILE A 189 9.50 -10.51 -25.46
CA ILE A 189 10.35 -9.97 -24.40
C ILE A 189 10.09 -8.46 -24.26
N TYR A 190 9.67 -8.02 -23.05
CA TYR A 190 9.44 -6.64 -22.79
C TYR A 190 10.63 -6.16 -21.97
N LYS A 191 11.11 -4.96 -22.29
CA LYS A 191 12.27 -4.40 -21.64
C LYS A 191 11.89 -3.15 -20.86
N PHE A 192 12.68 -2.89 -19.83
CA PHE A 192 12.40 -1.86 -18.82
C PHE A 192 13.66 -1.27 -18.24
N ILE A 193 13.57 0.01 -17.94
CA ILE A 193 14.67 0.70 -17.31
C ILE A 193 14.18 1.62 -16.19
N GLN A 194 14.74 1.44 -15.01
CA GLN A 194 14.47 2.33 -13.90
C GLN A 194 15.82 2.99 -13.57
N LYS A 195 15.95 4.26 -13.99
CA LYS A 195 17.19 5.05 -13.90
C LYS A 195 17.32 5.75 -12.53
N VAL A 196 16.22 5.81 -11.80
CA VAL A 196 16.21 6.43 -10.49
C VAL A 196 16.44 5.35 -9.42
N PRO A 197 17.45 5.53 -8.54
CA PRO A 197 17.72 4.50 -7.52
C PRO A 197 16.51 4.34 -6.56
N ILE A 198 16.11 3.09 -6.33
CA ILE A 198 14.91 2.78 -5.55
C ILE A 198 15.18 1.66 -4.55
N PRO A 199 14.40 1.65 -3.44
CA PRO A 199 14.45 0.52 -2.54
C PRO A 199 13.80 -0.65 -3.30
N CYS A 200 14.23 -1.86 -2.99
CA CYS A 200 13.77 -3.03 -3.74
C CYS A 200 12.27 -3.37 -3.58
N TYR A 201 11.62 -2.90 -2.50
CA TYR A 201 10.17 -3.12 -2.36
C TYR A 201 9.35 -2.41 -3.48
N LEU A 202 9.97 -1.46 -4.18
CA LEU A 202 9.30 -0.77 -5.30
C LEU A 202 9.48 -1.46 -6.66
N ILE A 203 10.18 -2.61 -6.67
CA ILE A 203 10.20 -3.47 -7.85
C ILE A 203 8.81 -4.11 -8.05
N ALA A 204 8.25 -3.94 -9.24
CA ALA A 204 6.88 -4.45 -9.49
C ALA A 204 6.74 -4.99 -10.91
N LEU A 205 5.88 -5.98 -11.06
CA LEU A 205 5.63 -6.61 -12.36
C LEU A 205 4.16 -6.99 -12.47
N VAL A 206 3.60 -6.84 -13.65
CA VAL A 206 2.28 -7.34 -13.96
C VAL A 206 2.39 -7.97 -15.33
N VAL A 207 1.69 -9.09 -15.52
CA VAL A 207 1.63 -9.68 -16.85
C VAL A 207 0.15 -10.04 -17.11
N GLY A 208 -0.43 -9.56 -18.18
CA GLY A 208 -1.84 -9.85 -18.40
C GLY A 208 -2.28 -9.30 -19.71
N ALA A 209 -3.55 -9.48 -20.03
CA ALA A 209 -4.12 -9.01 -21.26
C ALA A 209 -4.49 -7.54 -21.08
N LEU A 210 -3.48 -6.67 -21.21
CA LEU A 210 -3.63 -5.27 -20.80
C LEU A 210 -3.81 -4.36 -21.98
N GLU A 211 -4.74 -3.42 -21.86
CA GLU A 211 -4.90 -2.35 -22.84
C GLU A 211 -4.61 -1.03 -22.16
N SER A 212 -4.38 0.02 -22.94
CA SER A 212 -4.14 1.36 -22.35
C SER A 212 -4.88 2.49 -23.05
N ARG A 213 -5.11 3.55 -22.29
CA ARG A 213 -5.71 4.75 -22.80
C ARG A 213 -5.03 5.96 -22.17
N GLN A 214 -4.67 6.96 -22.97
CA GLN A 214 -4.05 8.14 -22.44
C GLN A 214 -5.04 9.03 -21.71
N ILE A 215 -4.70 9.53 -20.52
CA ILE A 215 -5.62 10.43 -19.80
C ILE A 215 -4.94 11.74 -19.39
N GLY A 216 -3.65 11.88 -19.67
CA GLY A 216 -2.96 13.19 -19.41
C GLY A 216 -1.66 13.16 -20.20
N PRO A 217 -0.89 14.26 -20.19
CA PRO A 217 0.35 14.38 -20.95
C PRO A 217 1.40 13.35 -20.53
N ARG A 218 1.36 12.88 -19.27
CA ARG A 218 2.36 11.90 -18.80
C ARG A 218 1.71 10.69 -18.12
N THR A 219 0.49 10.38 -18.55
CA THR A 219 -0.30 9.31 -17.90
C THR A 219 -1.16 8.50 -18.84
N LEU A 220 -0.90 7.20 -18.90
CA LEU A 220 -1.79 6.21 -19.43
C LEU A 220 -2.44 5.47 -18.28
N VAL A 221 -3.68 5.06 -18.49
CA VAL A 221 -4.32 4.11 -17.56
C VAL A 221 -4.28 2.75 -18.25
N TRP A 222 -3.88 1.73 -17.50
CA TRP A 222 -3.82 0.36 -18.01
C TRP A 222 -4.81 -0.52 -17.22
N SER A 223 -5.50 -1.41 -17.94
CA SER A 223 -6.32 -2.46 -17.33
C SER A 223 -6.73 -3.48 -18.38
N GLU A 224 -7.53 -4.46 -17.97
CA GLU A 224 -8.18 -5.28 -18.97
C GLU A 224 -9.13 -4.40 -19.76
N LYS A 225 -9.34 -4.75 -21.02
CA LYS A 225 -10.18 -3.96 -21.91
C LYS A 225 -11.53 -3.55 -21.26
N GLU A 226 -12.17 -4.42 -20.49
CA GLU A 226 -13.46 -4.07 -19.97
C GLU A 226 -13.47 -2.96 -18.89
N GLN A 227 -12.31 -2.66 -18.31
CA GLN A 227 -12.22 -1.59 -17.31
C GLN A 227 -11.64 -0.26 -17.82
N VAL A 228 -11.09 -0.24 -19.05
CA VAL A 228 -10.37 0.97 -19.51
C VAL A 228 -11.19 2.26 -19.47
N GLU A 229 -12.38 2.23 -20.07
CA GLU A 229 -13.21 3.42 -20.22
C GLU A 229 -13.64 3.98 -18.84
N LYS A 230 -14.18 3.11 -18.02
CA LYS A 230 -14.50 3.46 -16.68
C LYS A 230 -13.31 4.03 -15.92
N SER A 231 -12.14 3.42 -16.07
CA SER A 231 -10.91 3.88 -15.33
C SER A 231 -10.42 5.24 -15.83
N ALA A 232 -10.45 5.43 -17.16
CA ALA A 232 -10.04 6.72 -17.72
C ALA A 232 -10.85 7.88 -17.12
N TYR A 233 -12.14 7.66 -16.95
CA TYR A 233 -13.00 8.71 -16.39
C TYR A 233 -12.73 8.88 -14.89
N GLU A 234 -12.74 7.75 -14.16
CA GLU A 234 -12.55 7.78 -12.68
C GLU A 234 -11.31 8.56 -12.26
N PHE A 235 -10.24 8.39 -13.04
CA PHE A 235 -8.93 8.93 -12.67
C PHE A 235 -8.51 10.16 -13.50
N SER A 236 -9.49 10.87 -14.06
CA SER A 236 -9.17 12.00 -14.95
C SER A 236 -8.56 13.20 -14.23
N GLU A 237 -8.74 13.26 -12.91
CA GLU A 237 -8.04 14.33 -12.11
C GLU A 237 -6.53 14.11 -11.95
N THR A 238 -5.97 13.05 -12.50
CA THR A 238 -4.57 12.65 -12.20
C THR A 238 -3.55 13.75 -12.55
N GLU A 239 -3.57 14.26 -13.80
CA GLU A 239 -2.64 15.35 -14.17
C GLU A 239 -2.77 16.59 -13.29
N SER A 240 -3.99 17.02 -12.96
CA SER A 240 -4.13 18.18 -12.08
C SER A 240 -3.56 17.90 -10.68
N MET A 241 -3.72 16.67 -10.20
CA MET A 241 -3.08 16.30 -8.94
C MET A 241 -1.56 16.25 -9.02
N LEU A 242 -1.01 15.81 -10.15
CA LEU A 242 0.46 15.79 -10.33
C LEU A 242 1.01 17.21 -10.29
N LYS A 243 0.33 18.12 -10.97
CA LYS A 243 0.76 19.53 -10.94
C LYS A 243 0.82 20.13 -9.52
N ILE A 244 -0.23 19.91 -8.74
CA ILE A 244 -0.27 20.37 -7.35
C ILE A 244 0.83 19.70 -6.52
N ALA A 245 0.97 18.39 -6.68
CA ALA A 245 2.02 17.69 -5.94
C ALA A 245 3.40 18.26 -6.28
N GLU A 246 3.63 18.58 -7.56
CA GLU A 246 4.93 19.14 -7.96
C GLU A 246 5.17 20.49 -7.30
N ASP A 247 4.12 21.27 -7.17
CA ASP A 247 4.20 22.55 -6.49
C ASP A 247 4.59 22.37 -5.04
N LEU A 248 4.02 21.35 -4.39
CA LEU A 248 4.25 21.14 -2.97
C LEU A 248 5.56 20.39 -2.68
N GLY A 249 5.93 19.49 -3.57
CA GLY A 249 7.08 18.66 -3.28
C GLY A 249 8.31 18.98 -4.08
N GLY A 250 8.14 19.67 -5.22
CA GLY A 250 9.26 19.91 -6.12
C GLY A 250 9.15 18.98 -7.34
N PRO A 251 10.15 19.03 -8.20
CA PRO A 251 10.07 18.29 -9.46
C PRO A 251 9.65 16.81 -9.33
N TYR A 252 8.68 16.40 -10.14
CA TYR A 252 8.42 14.97 -10.35
C TYR A 252 9.57 14.43 -11.23
N VAL A 253 10.34 13.50 -10.67
CA VAL A 253 11.58 13.06 -11.29
C VAL A 253 11.46 11.75 -12.07
N TRP A 254 10.27 11.13 -12.13
CA TRP A 254 10.20 9.71 -12.57
C TRP A 254 9.82 9.53 -14.03
N GLY A 255 9.65 10.64 -14.73
CA GLY A 255 9.25 10.61 -16.13
C GLY A 255 7.74 10.45 -16.29
N GLN A 256 7.31 9.20 -16.37
CA GLN A 256 5.91 8.89 -16.59
C GLN A 256 5.19 8.73 -15.23
N TYR A 257 3.91 9.05 -15.21
CA TYR A 257 3.03 8.59 -14.15
C TYR A 257 1.85 7.83 -14.74
N ASP A 258 2.00 6.52 -14.86
CA ASP A 258 0.92 5.72 -15.37
C ASP A 258 0.18 5.13 -14.18
N LEU A 259 -1.00 4.58 -14.49
CA LEU A 259 -1.87 3.90 -13.53
C LEU A 259 -2.24 2.53 -14.08
N LEU A 260 -2.23 1.52 -13.21
CA LEU A 260 -2.67 0.18 -13.57
C LEU A 260 -3.80 -0.14 -12.63
N VAL A 261 -4.95 -0.53 -13.21
CA VAL A 261 -6.08 -0.93 -12.39
C VAL A 261 -6.12 -2.46 -12.39
N LEU A 262 -5.91 -3.04 -11.21
CA LEU A 262 -5.71 -4.48 -11.08
C LEU A 262 -7.04 -5.21 -10.95
N PRO A 263 -6.97 -6.53 -10.99
CA PRO A 263 -8.18 -7.31 -10.77
C PRO A 263 -8.59 -7.11 -9.31
N PRO A 264 -9.82 -7.53 -8.93
CA PRO A 264 -10.37 -7.11 -7.63
C PRO A 264 -9.68 -7.71 -6.38
N SER A 265 -8.89 -8.76 -6.56
CA SER A 265 -8.09 -9.34 -5.42
C SER A 265 -6.83 -8.57 -5.03
N PHE A 266 -6.55 -7.43 -5.68
CA PHE A 266 -5.39 -6.65 -5.31
C PHE A 266 -5.59 -6.24 -3.82
N PRO A 267 -4.58 -6.52 -2.96
CA PRO A 267 -4.78 -6.48 -1.49
C PRO A 267 -4.89 -5.11 -0.86
N TYR A 268 -4.42 -4.08 -1.55
CA TYR A 268 -4.45 -2.70 -1.00
C TYR A 268 -5.20 -1.66 -1.87
N GLY A 269 -5.47 -0.47 -1.35
CA GLY A 269 -6.08 0.57 -2.15
C GLY A 269 -5.17 0.96 -3.30
N GLY A 270 -3.87 1.04 -3.02
CA GLY A 270 -2.86 1.42 -4.02
C GLY A 270 -1.48 0.92 -3.60
N MET A 271 -0.57 0.86 -4.56
CA MET A 271 0.86 0.70 -4.31
C MET A 271 1.62 1.65 -5.26
N GLU A 272 2.47 2.47 -4.66
CA GLU A 272 3.17 3.58 -5.31
C GLU A 272 4.38 3.12 -6.18
N ASN A 273 4.22 2.05 -6.94
CA ASN A 273 5.33 1.56 -7.78
C ASN A 273 5.73 2.64 -8.73
N PRO A 274 7.02 2.92 -8.80
CA PRO A 274 7.50 4.10 -9.54
C PRO A 274 7.23 3.93 -11.02
N CYS A 275 6.71 4.99 -11.61
CA CYS A 275 6.29 5.11 -13.01
C CYS A 275 4.97 4.42 -13.31
N LEU A 276 4.49 3.58 -12.39
CA LEU A 276 3.27 2.81 -12.62
C LEU A 276 2.54 2.53 -11.27
N THR A 277 1.74 3.46 -10.79
CA THR A 277 0.93 3.18 -9.56
C THR A 277 -0.04 2.02 -9.83
N PHE A 278 -0.18 1.14 -8.83
CA PHE A 278 -1.18 0.06 -8.90
C PHE A 278 -2.37 0.51 -8.04
N VAL A 279 -3.58 0.33 -8.56
CA VAL A 279 -4.78 0.55 -7.79
C VAL A 279 -5.83 -0.58 -7.81
N THR A 280 -6.59 -0.63 -6.74
CA THR A 280 -7.75 -1.50 -6.62
C THR A 280 -8.88 -1.03 -7.52
N PRO A 281 -9.58 -1.99 -8.17
CA PRO A 281 -10.76 -1.65 -8.97
C PRO A 281 -11.92 -1.19 -8.07
N THR A 282 -11.80 -1.36 -6.73
CA THR A 282 -12.85 -0.81 -5.85
C THR A 282 -12.86 0.72 -5.81
N LEU A 283 -11.91 1.38 -6.50
CA LEU A 283 -11.93 2.86 -6.61
C LEU A 283 -12.96 3.32 -7.64
N LEU A 284 -13.45 2.40 -8.47
CA LEU A 284 -14.30 2.78 -9.61
C LEU A 284 -15.73 3.05 -9.18
N ALA A 285 -15.94 4.12 -8.42
CA ALA A 285 -17.25 4.45 -7.88
C ALA A 285 -18.17 5.06 -8.94
N GLY A 286 -17.60 5.54 -10.05
CA GLY A 286 -18.36 6.15 -11.18
C GLY A 286 -18.43 7.67 -11.10
N ASP A 287 -17.89 8.23 -10.05
CA ASP A 287 -18.01 9.67 -9.82
C ASP A 287 -16.73 10.36 -9.33
N LYS A 288 -15.60 9.66 -9.42
CA LYS A 288 -14.27 10.16 -8.98
C LYS A 288 -14.18 10.44 -7.47
N SER A 289 -15.17 9.99 -6.68
CA SER A 289 -15.21 10.40 -5.24
C SER A 289 -14.11 9.75 -4.38
N LEU A 290 -13.52 8.67 -4.86
CA LEU A 290 -12.38 8.01 -4.12
C LEU A 290 -11.00 8.39 -4.66
N SER A 291 -10.91 9.52 -5.37
CA SER A 291 -9.62 9.98 -5.95
C SER A 291 -8.54 10.40 -4.93
N ASN A 292 -8.90 10.49 -3.64
CA ASN A 292 -7.85 10.76 -2.67
C ASN A 292 -6.84 9.63 -2.70
N VAL A 293 -7.25 8.42 -3.07
CA VAL A 293 -6.29 7.33 -3.18
C VAL A 293 -5.28 7.61 -4.29
N ILE A 294 -5.73 8.22 -5.37
CA ILE A 294 -4.77 8.63 -6.42
C ILE A 294 -3.80 9.73 -5.89
N ALA A 295 -4.35 10.70 -5.17
CA ALA A 295 -3.50 11.75 -4.60
C ALA A 295 -2.48 11.17 -3.64
N HIS A 296 -2.92 10.18 -2.87
CA HIS A 296 -2.01 9.47 -1.98
C HIS A 296 -0.87 8.80 -2.76
N GLU A 297 -1.20 8.06 -3.81
CA GLU A 297 -0.14 7.35 -4.55
C GLU A 297 0.78 8.33 -5.28
N ILE A 298 0.21 9.40 -5.81
CA ILE A 298 1.00 10.46 -6.43
C ILE A 298 1.96 11.00 -5.40
N SER A 299 1.46 11.29 -4.20
CA SER A 299 2.33 11.92 -3.17
C SER A 299 3.56 11.07 -2.83
N HIS A 300 3.41 9.75 -2.86
CA HIS A 300 4.53 8.81 -2.60
C HIS A 300 5.74 9.02 -3.55
N SER A 301 5.50 9.65 -4.69
CA SER A 301 6.56 9.95 -5.69
C SER A 301 7.62 10.89 -5.08
N TRP A 302 7.26 11.52 -3.95
CA TRP A 302 8.19 12.31 -3.13
C TRP A 302 8.41 11.61 -1.80
N THR A 303 7.35 11.46 -1.00
CA THR A 303 7.48 10.89 0.33
C THR A 303 7.29 9.37 0.31
N GLY A 304 8.37 8.61 0.35
CA GLY A 304 8.36 7.16 0.25
C GLY A 304 9.36 6.77 -0.83
N ASN A 305 9.16 7.29 -2.04
CA ASN A 305 9.97 6.87 -3.20
C ASN A 305 11.29 7.67 -3.38
N LEU A 306 11.28 8.94 -3.00
CA LEU A 306 12.51 9.75 -2.95
C LEU A 306 13.13 9.73 -1.56
N VAL A 307 12.36 10.19 -0.56
CA VAL A 307 12.78 9.96 0.83
C VAL A 307 12.10 8.70 1.34
N THR A 308 12.90 7.75 1.77
CA THR A 308 12.44 6.42 2.09
C THR A 308 12.78 6.05 3.52
N ASN A 309 11.88 5.31 4.18
CA ASN A 309 12.15 4.75 5.49
C ASN A 309 13.31 3.72 5.46
N LYS A 310 14.26 3.85 6.38
CA LYS A 310 15.50 3.08 6.33
C LYS A 310 15.22 1.68 6.76
N THR A 311 14.30 1.54 7.70
CA THR A 311 13.76 0.22 8.04
C THR A 311 12.25 0.33 8.24
N TRP A 312 11.57 -0.79 8.37
CA TRP A 312 10.10 -0.79 8.45
C TRP A 312 9.59 -0.32 9.81
N ASP A 313 10.49 -0.23 10.80
CA ASP A 313 10.16 0.45 12.06
C ASP A 313 9.73 1.90 11.87
N HIS A 314 10.21 2.53 10.81
CA HIS A 314 9.96 3.96 10.63
C HIS A 314 9.00 4.16 9.48
N PHE A 315 8.16 3.16 9.23
CA PHE A 315 7.14 3.18 8.14
C PHE A 315 6.26 4.43 8.18
N TRP A 316 5.91 4.90 9.39
CA TRP A 316 5.16 6.17 9.57
C TRP A 316 5.75 7.36 8.80
N LEU A 317 7.06 7.41 8.61
CA LEU A 317 7.69 8.48 7.82
C LEU A 317 7.14 8.43 6.41
N ASN A 318 7.15 7.24 5.82
CA ASN A 318 6.52 7.05 4.51
C ASN A 318 5.06 7.46 4.51
N GLU A 319 4.28 6.88 5.42
CA GLU A 319 2.80 7.04 5.34
C GLU A 319 2.28 8.35 5.89
N GLY A 320 2.79 8.76 7.04
CA GLY A 320 2.36 10.04 7.62
C GLY A 320 2.56 11.21 6.71
N HIS A 321 3.77 11.36 6.16
CA HIS A 321 4.00 12.46 5.24
C HIS A 321 3.20 12.28 3.97
N THR A 322 2.92 11.05 3.58
CA THR A 322 2.14 10.93 2.36
C THR A 322 0.71 11.38 2.53
N VAL A 323 0.08 10.97 3.63
CA VAL A 323 -1.30 11.34 3.94
C VAL A 323 -1.40 12.85 4.10
N TYR A 324 -0.34 13.43 4.69
CA TYR A 324 -0.23 14.89 4.84
C TYR A 324 -0.24 15.61 3.46
N LEU A 325 0.55 15.12 2.50
CA LEU A 325 0.54 15.68 1.16
C LEU A 325 -0.80 15.43 0.45
N GLU A 326 -1.30 14.18 0.60
CA GLU A 326 -2.54 13.76 0.00
C GLU A 326 -3.66 14.75 0.36
N ARG A 327 -3.79 15.01 1.67
CA ARG A 327 -4.86 15.90 2.15
C ARG A 327 -4.73 17.35 1.70
N HIS A 328 -3.47 17.78 1.51
CA HIS A 328 -3.16 19.06 0.83
C HIS A 328 -3.58 19.15 -0.61
N ILE A 329 -3.27 18.13 -1.44
CA ILE A 329 -3.72 18.10 -2.82
C ILE A 329 -5.26 18.23 -2.85
N CYS A 330 -5.92 17.45 -1.97
CA CYS A 330 -7.38 17.42 -2.00
C CYS A 330 -7.96 18.76 -1.45
N GLY A 331 -7.28 19.38 -0.50
CA GLY A 331 -7.61 20.72 0.00
C GLY A 331 -7.49 21.80 -1.07
N ARG A 332 -6.41 21.75 -1.83
CA ARG A 332 -6.25 22.64 -3.00
C ARG A 332 -7.37 22.49 -4.00
N LEU A 333 -7.74 21.24 -4.28
CA LEU A 333 -8.75 20.97 -5.27
C LEU A 333 -10.13 21.37 -4.81
N PHE A 334 -10.42 21.14 -3.53
CA PHE A 334 -11.80 21.19 -3.05
C PHE A 334 -12.02 22.09 -1.85
N GLY A 335 -10.95 22.66 -1.32
CA GLY A 335 -11.06 23.67 -0.29
C GLY A 335 -10.49 23.25 1.03
N GLU A 336 -10.05 24.24 1.83
CA GLU A 336 -9.47 23.97 3.13
C GLU A 336 -10.45 23.32 4.13
N LYS A 337 -11.74 23.63 3.99
CA LYS A 337 -12.74 23.01 4.88
C LYS A 337 -12.85 21.49 4.63
N PHE A 338 -12.67 21.09 3.38
CA PHE A 338 -12.57 19.68 3.02
C PHE A 338 -11.30 19.01 3.55
N ARG A 339 -10.15 19.71 3.50
CA ARG A 339 -8.93 19.15 4.08
C ARG A 339 -9.15 18.81 5.56
N HIS A 340 -9.81 19.72 6.29
CA HIS A 340 -10.11 19.56 7.71
C HIS A 340 -11.11 18.44 7.96
N PHE A 341 -12.09 18.28 7.07
CA PHE A 341 -13.08 17.18 7.11
C PHE A 341 -12.37 15.82 7.01
N ASN A 342 -11.44 15.72 6.05
CA ASN A 342 -10.67 14.48 5.85
C ASN A 342 -9.72 14.24 7.02
N ALA A 343 -9.06 15.30 7.48
CA ALA A 343 -8.18 15.16 8.62
C ALA A 343 -8.97 14.68 9.81
N LEU A 344 -10.17 15.24 10.05
CA LEU A 344 -10.99 14.83 11.21
C LEU A 344 -11.47 13.40 11.09
N GLY A 345 -11.81 13.01 9.87
CA GLY A 345 -12.26 11.62 9.63
C GLY A 345 -11.10 10.70 9.93
N GLY A 346 -9.89 11.10 9.54
CA GLY A 346 -8.67 10.39 9.90
C GLY A 346 -8.44 10.20 11.40
N TRP A 347 -8.71 11.24 12.17
CA TRP A 347 -8.61 11.09 13.60
C TRP A 347 -9.58 10.01 14.09
N GLY A 348 -10.78 9.96 13.51
CA GLY A 348 -11.76 8.91 13.84
C GLY A 348 -11.34 7.50 13.50
N GLU A 349 -10.59 7.35 12.41
CA GLU A 349 -10.09 6.03 12.03
C GLU A 349 -9.05 5.55 13.05
N LEU A 350 -8.28 6.51 13.53
CA LEU A 350 -7.25 6.29 14.54
C LEU A 350 -7.90 5.84 15.86
N GLN A 351 -8.98 6.50 16.26
CA GLN A 351 -9.75 6.08 17.45
C GLN A 351 -10.22 4.65 17.26
N ASN A 352 -10.75 4.37 16.08
CA ASN A 352 -11.20 3.01 15.82
C ASN A 352 -10.05 2.00 15.98
N SER A 353 -8.86 2.31 15.46
CA SER A 353 -7.77 1.32 15.54
C SER A 353 -7.28 1.15 16.97
N VAL A 354 -7.10 2.26 17.67
CA VAL A 354 -6.66 2.23 19.08
C VAL A 354 -7.70 1.47 19.88
N LYS A 355 -8.98 1.82 19.71
CA LYS A 355 -10.08 1.06 20.33
C LYS A 355 -10.03 -0.44 20.00
N THR A 356 -9.78 -0.78 18.75
CA THR A 356 -9.74 -2.18 18.31
C THR A 356 -8.51 -2.91 18.88
N PHE A 357 -7.32 -2.33 18.73
CA PHE A 357 -6.10 -2.98 19.20
C PHE A 357 -6.06 -3.04 20.74
N GLY A 358 -6.44 -1.93 21.37
CA GLY A 358 -6.30 -1.72 22.81
C GLY A 358 -5.34 -0.56 23.02
N GLU A 359 -5.64 0.29 23.97
CA GLU A 359 -4.90 1.52 24.13
C GLU A 359 -3.43 1.34 24.55
N THR A 360 -3.04 0.14 24.94
CA THR A 360 -1.65 -0.11 25.32
C THR A 360 -0.98 -1.05 24.34
N HIS A 361 -1.67 -1.39 23.25
CA HIS A 361 -1.11 -2.34 22.31
C HIS A 361 0.16 -1.77 21.68
N PRO A 362 1.23 -2.58 21.56
CA PRO A 362 2.46 -2.19 20.87
C PRO A 362 2.27 -1.64 19.45
N PHE A 363 1.29 -2.19 18.72
CA PHE A 363 1.03 -1.77 17.33
C PHE A 363 0.34 -0.41 17.25
N THR A 364 -0.02 0.19 18.40
CA THR A 364 -0.53 1.56 18.42
C THR A 364 0.57 2.59 18.62
N LYS A 365 1.81 2.15 18.82
CA LYS A 365 2.93 3.10 18.81
C LYS A 365 3.21 3.61 17.38
N LEU A 366 3.67 4.86 17.26
CA LEU A 366 4.02 5.42 15.97
C LEU A 366 5.21 4.65 15.37
N VAL A 367 6.29 4.56 16.14
CA VAL A 367 7.42 3.73 15.79
C VAL A 367 7.26 2.36 16.45
N VAL A 368 7.44 1.30 15.68
CA VAL A 368 7.26 -0.03 16.16
C VAL A 368 8.52 -0.88 15.94
N ASP A 369 9.03 -1.52 16.99
CA ASP A 369 10.14 -2.45 16.82
C ASP A 369 9.70 -3.77 16.16
N LEU A 370 10.00 -3.93 14.86
CA LEU A 370 9.52 -5.13 14.13
C LEU A 370 10.43 -6.39 14.17
N THR A 371 11.43 -6.44 15.04
CA THR A 371 12.18 -7.71 15.19
C THR A 371 11.18 -8.80 15.59
N ASP A 372 11.24 -9.95 14.93
CA ASP A 372 10.26 -11.01 15.25
C ASP A 372 8.78 -10.76 14.95
N ILE A 373 8.46 -9.60 14.37
CA ILE A 373 7.08 -9.33 13.94
C ILE A 373 7.01 -9.29 12.43
N ASP A 374 6.15 -10.14 11.83
CA ASP A 374 5.86 -10.10 10.41
C ASP A 374 5.21 -8.75 10.08
N PRO A 375 5.88 -7.88 9.26
CA PRO A 375 5.29 -6.57 9.01
C PRO A 375 3.81 -6.59 8.53
N ASP A 376 3.42 -7.64 7.82
CA ASP A 376 2.07 -7.77 7.26
C ASP A 376 1.00 -7.90 8.36
N VAL A 377 1.45 -8.41 9.52
CA VAL A 377 0.61 -8.56 10.71
C VAL A 377 0.48 -7.27 11.48
N ALA A 378 1.58 -6.49 11.53
CA ALA A 378 1.59 -5.16 12.11
C ALA A 378 0.80 -4.10 11.28
N TYR A 379 0.77 -4.25 9.96
CA TYR A 379 0.17 -3.24 9.10
C TYR A 379 -1.22 -2.75 9.58
N SER A 380 -1.46 -1.44 9.68
CA SER A 380 -2.80 -0.91 10.06
C SER A 380 -2.91 0.53 9.65
N SER A 381 -4.00 1.17 10.06
CA SER A 381 -4.12 2.64 9.92
C SER A 381 -3.23 3.48 10.80
N VAL A 382 -2.63 2.88 11.82
CA VAL A 382 -1.93 3.69 12.82
C VAL A 382 -0.82 4.55 12.22
N PRO A 383 0.12 3.94 11.47
CA PRO A 383 1.19 4.76 10.91
C PRO A 383 0.69 5.87 10.01
N TYR A 384 -0.39 5.61 9.30
CA TYR A 384 -1.04 6.62 8.46
C TYR A 384 -1.60 7.77 9.28
N GLU A 385 -2.48 7.42 10.22
CA GLU A 385 -3.25 8.46 10.92
C GLU A 385 -2.55 9.05 12.17
N LYS A 386 -1.81 8.21 12.93
CA LYS A 386 -1.02 8.78 14.02
C LYS A 386 0.12 9.60 13.45
N GLY A 387 0.72 9.11 12.36
CA GLY A 387 1.68 9.95 11.64
C GLY A 387 1.07 11.22 11.11
N PHE A 388 -0.08 11.13 10.43
CA PHE A 388 -0.69 12.36 9.95
C PHE A 388 -0.97 13.35 11.10
N ALA A 389 -1.57 12.83 12.17
CA ALA A 389 -1.95 13.67 13.34
C ALA A 389 -0.77 14.43 13.93
N LEU A 390 0.42 13.82 13.92
CA LEU A 390 1.62 14.50 14.42
C LEU A 390 2.02 15.70 13.56
N LEU A 391 1.97 15.50 12.23
CA LEU A 391 2.32 16.53 11.31
C LEU A 391 1.31 17.66 11.31
N PHE A 392 0.03 17.29 11.45
CA PHE A 392 -1.06 18.29 11.52
C PHE A 392 -0.94 19.14 12.82
N TYR A 393 -0.70 18.47 13.94
CA TYR A 393 -0.36 19.14 15.21
C TYR A 393 0.82 20.11 15.06
N LEU A 394 1.92 19.61 14.49
CA LEU A 394 3.10 20.40 14.22
C LEU A 394 2.82 21.56 13.29
N GLU A 395 2.07 21.32 12.21
CA GLU A 395 1.62 22.40 11.35
C GLU A 395 1.01 23.58 12.15
N GLN A 396 0.05 23.24 13.01
CA GLN A 396 -0.64 24.23 13.84
C GLN A 396 0.33 24.90 14.83
N LEU A 397 1.21 24.10 15.45
CA LEU A 397 2.18 24.57 16.46
C LEU A 397 3.13 25.64 15.88
N LEU A 398 3.56 25.43 14.63
CA LEU A 398 4.68 26.11 14.05
C LEU A 398 4.26 27.21 13.08
N GLY A 399 2.95 27.45 12.95
CA GLY A 399 2.53 28.60 12.19
C GLY A 399 1.59 28.41 11.05
N GLY A 400 1.22 27.18 10.71
CA GLY A 400 0.22 26.99 9.66
C GLY A 400 0.69 26.21 8.44
N PRO A 401 -0.22 26.01 7.47
CA PRO A 401 0.10 25.10 6.37
C PRO A 401 1.15 25.66 5.42
N GLU A 402 1.15 26.98 5.17
CA GLU A 402 2.12 27.52 4.24
C GLU A 402 3.55 27.32 4.80
N ILE A 403 3.69 27.58 6.09
CA ILE A 403 4.95 27.42 6.79
C ILE A 403 5.37 25.96 6.86
N PHE A 404 4.44 25.07 7.22
CA PHE A 404 4.77 23.66 7.33
C PHE A 404 5.04 22.99 5.96
N LEU A 405 4.35 23.43 4.89
CA LEU A 405 4.67 22.95 3.54
C LEU A 405 6.06 23.43 3.05
N GLY A 406 6.52 24.60 3.51
CA GLY A 406 7.92 25.00 3.23
C GLY A 406 8.90 23.98 3.77
N PHE A 407 8.62 23.50 4.97
CA PHE A 407 9.43 22.47 5.58
C PHE A 407 9.35 21.12 4.83
N LEU A 408 8.16 20.76 4.41
CA LEU A 408 7.96 19.52 3.64
C LEU A 408 8.79 19.56 2.34
N LYS A 409 8.74 20.67 1.61
CA LYS A 409 9.58 20.82 0.44
C LYS A 409 11.10 20.72 0.77
N ALA A 410 11.54 21.40 1.82
CA ALA A 410 12.96 21.35 2.23
C ALA A 410 13.41 19.96 2.66
N TYR A 411 12.51 19.22 3.32
CA TYR A 411 12.72 17.84 3.80
C TYR A 411 12.86 16.81 2.65
N VAL A 412 12.00 16.93 1.65
CA VAL A 412 12.10 16.11 0.43
C VAL A 412 13.41 16.43 -0.31
N GLU A 413 13.76 17.72 -0.45
CA GLU A 413 15.04 18.12 -1.10
C GLU A 413 16.21 17.49 -0.38
N LYS A 414 16.20 17.63 0.95
CA LYS A 414 17.33 17.27 1.79
C LYS A 414 17.60 15.77 1.70
N PHE A 415 16.53 14.97 1.71
CA PHE A 415 16.69 13.54 1.81
C PHE A 415 16.34 12.75 0.54
N SER A 416 16.20 13.41 -0.58
CA SER A 416 15.97 12.70 -1.83
C SER A 416 17.06 11.67 -2.12
N TYR A 417 16.63 10.48 -2.55
CA TYR A 417 17.52 9.36 -2.89
C TYR A 417 18.19 8.74 -1.67
N LYS A 418 17.74 9.09 -0.48
CA LYS A 418 18.25 8.51 0.77
C LYS A 418 17.18 7.74 1.53
N SER A 419 17.60 7.01 2.56
CA SER A 419 16.75 6.22 3.45
C SER A 419 17.06 6.70 4.91
N ILE A 420 16.00 7.05 5.62
CA ILE A 420 16.21 7.76 6.87
C ILE A 420 15.41 7.15 7.99
N THR A 421 15.78 7.46 9.24
CA THR A 421 15.05 7.00 10.42
C THR A 421 14.27 8.17 11.02
N THR A 422 13.51 7.88 12.07
CA THR A 422 12.76 8.94 12.78
C THR A 422 13.69 10.02 13.36
N ASP A 423 14.89 9.62 13.81
CA ASP A 423 15.82 10.63 14.39
C ASP A 423 16.35 11.57 13.31
N ASP A 424 16.62 11.03 12.12
CA ASP A 424 17.00 11.83 10.96
C ASP A 424 15.94 12.89 10.66
N TRP A 425 14.67 12.49 10.65
CA TRP A 425 13.57 13.43 10.39
C TRP A 425 13.50 14.57 11.41
N LYS A 426 13.50 14.19 12.68
CA LYS A 426 13.40 15.09 13.84
C LYS A 426 14.56 16.11 13.90
N ASP A 427 15.77 15.60 13.70
CA ASP A 427 16.95 16.44 13.49
C ASP A 427 16.75 17.53 12.46
N PHE A 428 16.29 17.15 11.27
CA PHE A 428 16.07 18.14 10.24
C PHE A 428 14.94 19.10 10.62
N LEU A 429 13.90 18.58 11.29
CA LEU A 429 12.80 19.42 11.76
C LEU A 429 13.33 20.54 12.67
N TYR A 430 14.27 20.19 13.54
CA TYR A 430 14.90 21.15 14.47
C TYR A 430 15.87 22.09 13.73
N SER A 431 16.53 21.59 12.70
CA SER A 431 17.39 22.43 11.88
C SER A 431 16.61 23.45 11.04
N TYR A 432 15.58 22.98 10.34
CA TYR A 432 14.69 23.88 9.60
C TYR A 432 13.98 24.93 10.48
N PHE A 433 13.55 24.53 11.68
CA PHE A 433 12.82 25.40 12.60
C PHE A 433 13.74 25.81 13.77
N LYS A 434 14.97 26.22 13.42
CA LYS A 434 15.99 26.53 14.43
C LYS A 434 15.48 27.70 15.28
N ASP A 435 14.78 28.64 14.62
CA ASP A 435 14.20 29.80 15.31
C ASP A 435 12.95 29.49 16.14
N LYS A 436 12.58 28.22 16.25
CA LYS A 436 11.31 27.86 16.90
C LYS A 436 11.49 26.64 17.79
N VAL A 437 12.73 26.40 18.21
CA VAL A 437 13.06 25.24 19.02
C VAL A 437 12.36 25.28 20.39
N ASP A 438 12.10 26.49 20.90
CA ASP A 438 11.28 26.63 22.13
C ASP A 438 9.89 26.02 21.94
N VAL A 439 9.32 26.27 20.77
CA VAL A 439 8.02 25.73 20.38
C VAL A 439 8.10 24.23 20.12
N LEU A 440 9.18 23.77 19.49
CA LEU A 440 9.41 22.33 19.25
C LEU A 440 9.62 21.54 20.54
N ASN A 441 10.16 22.17 21.57
CA ASN A 441 10.41 21.46 22.83
C ASN A 441 9.16 21.33 23.69
N GLN A 442 8.09 22.03 23.28
CA GLN A 442 6.78 21.83 23.88
C GLN A 442 6.15 20.49 23.50
N VAL A 443 6.48 19.96 22.32
CA VAL A 443 5.93 18.64 21.96
C VAL A 443 6.50 17.53 22.83
N ASP A 444 5.61 16.63 23.23
CA ASP A 444 5.95 15.48 24.02
C ASP A 444 6.41 14.39 23.06
N TRP A 445 7.69 14.46 22.65
CA TRP A 445 8.25 13.54 21.65
C TRP A 445 8.15 12.07 22.04
N ASN A 446 8.44 11.77 23.29
CA ASN A 446 8.37 10.38 23.72
C ASN A 446 6.99 9.76 23.59
N ALA A 447 5.96 10.55 23.90
CA ALA A 447 4.56 10.10 23.82
C ALA A 447 4.19 9.89 22.35
N TRP A 448 4.35 10.93 21.55
CA TRP A 448 4.00 10.88 20.12
C TRP A 448 4.68 9.74 19.34
N LEU A 449 5.98 9.57 19.56
CA LEU A 449 6.75 8.60 18.78
C LEU A 449 6.78 7.20 19.35
N TYR A 450 6.77 7.06 20.68
CA TYR A 450 7.07 5.75 21.27
C TYR A 450 6.00 5.16 22.20
N SER A 451 4.97 5.94 22.52
CA SER A 451 3.89 5.48 23.43
C SER A 451 2.67 4.93 22.68
N PRO A 452 2.05 3.86 23.23
CA PRO A 452 0.82 3.35 22.66
C PRO A 452 -0.36 4.28 22.90
N GLY A 453 -1.50 3.95 22.28
CA GLY A 453 -2.75 4.70 22.44
C GLY A 453 -2.93 5.94 21.60
N LEU A 454 -4.01 6.67 21.84
CA LEU A 454 -4.24 7.94 21.18
C LEU A 454 -3.12 8.90 21.54
N PRO A 455 -2.75 9.80 20.61
CA PRO A 455 -1.79 10.88 20.83
C PRO A 455 -2.16 11.75 22.05
N PRO A 456 -1.16 12.37 22.70
CA PRO A 456 -1.42 13.15 23.93
C PRO A 456 -2.12 14.49 23.70
N ILE A 457 -2.11 14.95 22.45
CA ILE A 457 -2.75 16.19 22.04
C ILE A 457 -3.57 15.95 20.77
N LYS A 458 -4.81 16.41 20.74
CA LYS A 458 -5.61 16.34 19.51
C LYS A 458 -5.54 17.68 18.82
N PRO A 459 -5.21 17.68 17.51
CA PRO A 459 -5.20 18.96 16.79
C PRO A 459 -6.57 19.66 16.74
N ASN A 460 -6.60 20.83 16.16
CA ASN A 460 -7.83 21.59 16.00
C ASN A 460 -8.39 21.40 14.59
N TYR A 461 -9.65 21.00 14.51
CA TYR A 461 -10.30 20.70 13.25
C TYR A 461 -11.51 21.58 13.03
N ASP A 462 -11.57 22.25 11.89
CA ASP A 462 -12.79 22.90 11.45
C ASP A 462 -13.88 21.80 11.32
N MET A 463 -15.08 22.09 11.82
CA MET A 463 -16.14 21.10 11.91
C MET A 463 -17.24 21.31 10.86
N THR A 464 -17.08 22.30 10.00
CA THR A 464 -18.12 22.75 9.08
C THR A 464 -18.78 21.62 8.29
N LEU A 465 -17.97 20.81 7.61
CA LEU A 465 -18.52 19.76 6.72
C LEU A 465 -18.94 18.54 7.52
N THR A 466 -18.40 18.43 8.71
CA THR A 466 -18.66 17.30 9.59
C THR A 466 -19.99 17.42 10.34
N ASN A 467 -20.39 18.64 10.73
CA ASN A 467 -21.55 18.81 11.64
C ASN A 467 -22.83 18.13 11.15
N ALA A 468 -23.13 18.20 9.84
CA ALA A 468 -24.37 17.60 9.35
C ALA A 468 -24.34 16.04 9.48
N CYS A 469 -23.14 15.47 9.41
CA CYS A 469 -22.94 14.03 9.48
C CYS A 469 -23.20 13.62 10.93
N ILE A 470 -22.60 14.38 11.86
CA ILE A 470 -22.81 14.14 13.31
C ILE A 470 -24.26 14.30 13.71
N ALA A 471 -24.89 15.35 13.19
CA ALA A 471 -26.29 15.65 13.46
C ALA A 471 -27.21 14.53 13.07
N LEU A 472 -27.09 14.04 11.84
CA LEU A 472 -27.93 12.94 11.39
C LEU A 472 -27.68 11.63 12.14
N SER A 473 -26.39 11.33 12.36
CA SER A 473 -26.02 10.13 13.14
C SER A 473 -26.68 10.15 14.51
N GLN A 474 -26.60 11.29 15.18
CA GLN A 474 -27.20 11.44 16.52
C GLN A 474 -28.71 11.30 16.52
N ARG A 475 -29.36 11.82 15.47
CA ARG A 475 -30.82 11.64 15.33
C ARG A 475 -31.15 10.16 15.29
N TRP A 476 -30.37 9.39 14.55
CA TRP A 476 -30.66 7.97 14.43
C TRP A 476 -30.39 7.26 15.77
N ILE A 477 -29.23 7.54 16.34
CA ILE A 477 -28.79 6.87 17.59
C ILE A 477 -29.78 7.13 18.75
N THR A 478 -30.28 8.37 18.87
CA THR A 478 -31.24 8.73 19.90
C THR A 478 -32.69 8.47 19.54
N ALA A 479 -32.96 8.04 18.31
CA ALA A 479 -34.36 7.81 17.90
C ALA A 479 -34.95 6.62 18.66
N LYS A 480 -36.25 6.70 18.98
CA LYS A 480 -36.99 5.52 19.41
C LYS A 480 -37.91 5.11 18.28
N GLU A 481 -38.66 4.04 18.47
CA GLU A 481 -39.46 3.50 17.39
C GLU A 481 -40.42 4.54 16.87
N ASP A 482 -41.01 5.33 17.78
CA ASP A 482 -41.98 6.34 17.35
C ASP A 482 -41.36 7.54 16.57
N ASP A 483 -40.03 7.50 16.46
CA ASP A 483 -39.29 8.54 15.70
C ASP A 483 -38.90 8.09 14.29
N LEU A 484 -39.04 6.78 14.01
CA LEU A 484 -38.50 6.20 12.80
C LEU A 484 -39.25 6.74 11.54
N ASN A 485 -40.55 7.06 11.71
CA ASN A 485 -41.35 7.59 10.60
CA ASN A 485 -41.42 7.66 10.67
C ASN A 485 -40.89 8.98 10.14
N SER A 486 -40.13 9.69 10.96
CA SER A 486 -39.68 11.03 10.61
C SER A 486 -38.48 11.07 9.64
N PHE A 487 -37.73 9.97 9.60
CA PHE A 487 -36.67 9.82 8.64
C PHE A 487 -37.21 9.69 7.20
N ASN A 488 -36.49 10.33 6.28
CA ASN A 488 -36.96 10.42 4.90
C ASN A 488 -35.75 10.57 3.95
N ALA A 489 -35.88 10.09 2.72
CA ALA A 489 -34.86 10.30 1.70
C ALA A 489 -34.30 11.75 1.67
N THR A 490 -35.11 12.76 2.00
CA THR A 490 -34.66 14.17 1.96
C THR A 490 -33.56 14.51 2.99
N ASP A 491 -33.46 13.69 4.04
CA ASP A 491 -32.31 13.76 4.96
C ASP A 491 -30.93 13.79 4.27
N LEU A 492 -30.79 13.10 3.15
CA LEU A 492 -29.48 12.96 2.51
C LEU A 492 -29.23 14.01 1.40
N LYS A 493 -30.20 14.91 1.24
CA LYS A 493 -30.29 15.79 0.07
C LYS A 493 -29.07 16.69 -0.03
N ASP A 494 -28.62 17.23 1.09
CA ASP A 494 -27.50 18.16 1.03
C ASP A 494 -26.15 17.54 1.41
N LEU A 495 -26.08 16.20 1.39
CA LEU A 495 -24.85 15.51 1.80
C LEU A 495 -24.13 14.94 0.57
N SER A 496 -22.84 15.20 0.42
CA SER A 496 -22.00 14.63 -0.60
C SER A 496 -21.77 13.17 -0.30
N SER A 497 -21.15 12.46 -1.24
CA SER A 497 -20.88 11.04 -1.00
C SER A 497 -19.92 10.97 0.17
N HIS A 498 -19.04 11.97 0.31
CA HIS A 498 -18.08 11.95 1.41
C HIS A 498 -18.78 12.06 2.75
N GLN A 499 -19.78 12.95 2.82
CA GLN A 499 -20.58 13.12 4.03
C GLN A 499 -21.47 11.90 4.34
N LEU A 500 -21.97 11.24 3.32
CA LEU A 500 -22.79 10.05 3.53
C LEU A 500 -21.89 9.01 4.15
N ASN A 501 -20.67 8.89 3.64
CA ASN A 501 -19.67 8.00 4.23
C ASN A 501 -19.35 8.29 5.71
N GLU A 502 -19.14 9.57 6.02
CA GLU A 502 -18.84 10.00 7.37
C GLU A 502 -20.05 9.80 8.34
N PHE A 503 -21.24 10.10 7.88
CA PHE A 503 -22.47 9.74 8.58
C PHE A 503 -22.42 8.26 8.98
N LEU A 504 -22.04 7.40 8.04
CA LEU A 504 -22.05 5.93 8.34
C LEU A 504 -20.92 5.54 9.28
N ALA A 505 -19.77 6.20 9.12
CA ALA A 505 -18.60 6.01 10.00
C ALA A 505 -18.96 6.39 11.46
N GLN A 506 -19.59 7.56 11.63
CA GLN A 506 -20.05 8.02 12.94
C GLN A 506 -21.00 7.02 13.58
N THR A 507 -21.97 6.56 12.81
CA THR A 507 -23.03 5.65 13.27
C THR A 507 -22.45 4.25 13.58
N LEU A 508 -21.58 3.77 12.70
CA LEU A 508 -20.85 2.54 12.93
C LEU A 508 -20.00 2.53 14.23
N GLN A 509 -19.47 3.67 14.64
CA GLN A 509 -18.75 3.80 15.93
C GLN A 509 -19.66 3.52 17.13
N ARG A 510 -21.00 3.58 16.94
CA ARG A 510 -21.96 3.29 18.04
C ARG A 510 -22.73 2.01 17.82
N ALA A 511 -22.31 1.25 16.84
CA ALA A 511 -22.97 0.00 16.52
C ALA A 511 -22.78 -1.02 17.65
N PRO A 512 -23.77 -1.91 17.89
CA PRO A 512 -25.02 -2.09 17.11
C PRO A 512 -26.05 -1.01 17.38
N LEU A 513 -26.85 -0.72 16.36
CA LEU A 513 -28.14 -0.05 16.53
C LEU A 513 -29.27 -1.09 16.57
N PRO A 514 -30.49 -0.73 17.05
CA PRO A 514 -31.60 -1.71 17.00
C PRO A 514 -31.90 -2.13 15.54
N LEU A 515 -32.28 -3.40 15.33
CA LEU A 515 -32.53 -3.88 14.02
C LEU A 515 -33.60 -3.07 13.29
N GLY A 516 -34.61 -2.62 14.00
CA GLY A 516 -35.68 -1.84 13.33
C GLY A 516 -35.19 -0.52 12.79
N HIS A 517 -34.18 0.05 13.45
CA HIS A 517 -33.61 1.30 12.95
C HIS A 517 -32.88 1.02 11.63
N ILE A 518 -32.09 -0.04 11.62
CA ILE A 518 -31.35 -0.44 10.42
C ILE A 518 -32.33 -0.75 9.28
N LYS A 519 -33.35 -1.55 9.56
CA LYS A 519 -34.38 -1.83 8.55
C LYS A 519 -34.99 -0.52 8.01
N ARG A 520 -35.32 0.43 8.89
CA ARG A 520 -35.86 1.73 8.45
C ARG A 520 -34.90 2.51 7.57
N MET A 521 -33.62 2.52 7.96
CA MET A 521 -32.59 3.21 7.20
C MET A 521 -32.51 2.65 5.77
N GLN A 522 -32.61 1.35 5.62
CA GLN A 522 -32.63 0.79 4.25
C GLN A 522 -33.91 1.21 3.49
N GLU A 523 -35.04 1.15 4.19
CA GLU A 523 -36.33 1.65 3.65
C GLU A 523 -36.28 3.09 3.16
N VAL A 524 -35.72 4.01 3.95
CA VAL A 524 -35.75 5.42 3.59
C VAL A 524 -34.57 5.88 2.72
N TYR A 525 -33.41 5.25 2.92
CA TYR A 525 -32.20 5.69 2.23
C TYR A 525 -31.73 4.79 1.10
N ASN A 526 -32.20 3.53 1.04
CA ASN A 526 -31.78 2.54 0.01
C ASN A 526 -30.27 2.38 -0.12
N PHE A 527 -29.58 2.28 1.03
CA PHE A 527 -28.11 2.10 1.03
C PHE A 527 -27.70 0.78 0.30
N ASN A 528 -28.59 -0.19 0.22
CA ASN A 528 -28.30 -1.40 -0.53
C ASN A 528 -28.00 -1.09 -2.00
N ALA A 529 -28.48 0.04 -2.51
CA ALA A 529 -28.31 0.37 -3.93
C ALA A 529 -26.98 1.08 -4.22
N ILE A 530 -26.24 1.43 -3.17
CA ILE A 530 -25.06 2.26 -3.35
C ILE A 530 -23.89 1.37 -3.72
N ASN A 531 -23.17 1.68 -4.79
CA ASN A 531 -22.04 0.83 -5.16
C ASN A 531 -20.66 1.45 -4.84
N ASN A 532 -20.65 2.69 -4.37
CA ASN A 532 -19.44 3.23 -3.76
C ASN A 532 -18.92 2.28 -2.65
N SER A 533 -17.71 1.75 -2.86
CA SER A 533 -17.13 0.67 -2.03
C SER A 533 -16.96 1.13 -0.59
N GLU A 534 -16.51 2.37 -0.36
CA GLU A 534 -16.35 2.83 1.04
C GLU A 534 -17.72 2.84 1.70
N ILE A 535 -18.71 3.43 1.03
CA ILE A 535 -20.04 3.54 1.62
C ILE A 535 -20.66 2.18 1.85
N ARG A 536 -20.53 1.32 0.85
CA ARG A 536 -21.17 0.05 0.95
C ARG A 536 -20.52 -0.77 2.08
N PHE A 537 -19.18 -0.69 2.18
CA PHE A 537 -18.42 -1.35 3.27
C PHE A 537 -19.01 -1.03 4.64
N ARG A 538 -19.05 0.24 4.99
CA ARG A 538 -19.50 0.67 6.33
C ARG A 538 -20.96 0.35 6.60
N TRP A 539 -21.82 0.54 5.57
CA TRP A 539 -23.21 0.15 5.62
C TRP A 539 -23.41 -1.36 5.94
N LEU A 540 -22.68 -2.19 5.25
CA LEU A 540 -22.82 -3.63 5.48
C LEU A 540 -22.25 -4.02 6.87
N ARG A 541 -21.13 -3.39 7.28
CA ARG A 541 -20.63 -3.62 8.64
C ARG A 541 -21.68 -3.24 9.68
N LEU A 542 -22.29 -2.07 9.50
CA LEU A 542 -23.38 -1.60 10.39
C LEU A 542 -24.53 -2.61 10.44
N CYS A 543 -24.93 -3.11 9.29
CA CYS A 543 -26.00 -4.12 9.19
C CYS A 543 -25.69 -5.43 9.94
N ILE A 544 -24.48 -5.96 9.69
CA ILE A 544 -24.04 -7.24 10.27
C ILE A 544 -23.85 -7.09 11.81
N GLN A 545 -23.24 -5.99 12.24
CA GLN A 545 -23.03 -5.79 13.68
C GLN A 545 -24.36 -5.56 14.39
N SER A 546 -25.36 -5.04 13.66
CA SER A 546 -26.67 -4.81 14.20
C SER A 546 -27.58 -6.03 14.00
N LYS A 547 -26.97 -7.13 13.55
CA LYS A 547 -27.59 -8.48 13.49
C LYS A 547 -28.71 -8.65 12.48
N TRP A 548 -28.58 -7.99 11.32
CA TRP A 548 -29.56 -8.08 10.23
C TRP A 548 -29.18 -9.22 9.27
N GLU A 549 -29.88 -10.35 9.40
CA GLU A 549 -29.62 -11.57 8.64
C GLU A 549 -29.67 -11.34 7.13
N ASP A 550 -30.56 -10.44 6.69
CA ASP A 550 -30.69 -10.12 5.27
C ASP A 550 -29.36 -9.65 4.66
N ALA A 551 -28.55 -8.97 5.47
CA ALA A 551 -27.32 -8.39 5.00
C ALA A 551 -26.23 -9.45 4.88
N ILE A 552 -26.48 -10.66 5.40
CA ILE A 552 -25.42 -11.70 5.38
C ILE A 552 -24.87 -12.04 3.96
N PRO A 553 -25.75 -12.37 2.98
CA PRO A 553 -25.29 -12.64 1.63
C PRO A 553 -24.58 -11.45 0.98
N LEU A 554 -25.05 -10.23 1.27
CA LEU A 554 -24.41 -9.01 0.72
C LEU A 554 -22.99 -8.84 1.23
N ALA A 555 -22.83 -8.97 2.54
CA ALA A 555 -21.53 -8.96 3.19
C ALA A 555 -20.59 -10.09 2.73
N LEU A 556 -21.10 -11.32 2.59
CA LEU A 556 -20.27 -12.41 2.07
C LEU A 556 -19.84 -12.13 0.62
N LYS A 557 -20.77 -11.63 -0.18
CA LYS A 557 -20.52 -11.30 -1.56
C LYS A 557 -19.41 -10.22 -1.68
N MET A 558 -19.56 -9.11 -0.96
CA MET A 558 -18.50 -8.08 -0.98
C MET A 558 -17.14 -8.62 -0.49
N ALA A 559 -17.16 -9.45 0.55
CA ALA A 559 -15.89 -9.90 1.15
C ALA A 559 -15.05 -10.77 0.21
N THR A 560 -15.72 -11.46 -0.72
CA THR A 560 -15.09 -12.44 -1.61
C THR A 560 -15.00 -11.99 -3.06
N GLU A 561 -15.91 -11.14 -3.52
CA GLU A 561 -15.85 -10.67 -4.91
C GLU A 561 -14.75 -9.63 -5.16
N GLN A 562 -14.21 -9.07 -4.07
CA GLN A 562 -12.99 -8.26 -4.15
C GLN A 562 -12.13 -8.63 -2.91
N GLY A 563 -10.89 -8.14 -2.86
CA GLY A 563 -9.96 -8.66 -1.85
C GLY A 563 -9.12 -7.56 -1.24
N ARG A 564 -9.58 -6.33 -1.42
CA ARG A 564 -8.95 -5.18 -0.73
C ARG A 564 -9.04 -5.42 0.75
N MET A 565 -7.89 -5.52 1.40
CA MET A 565 -7.89 -5.95 2.81
C MET A 565 -8.66 -5.09 3.79
N LYS A 566 -8.59 -3.77 3.59
CA LYS A 566 -9.43 -2.77 4.25
C LYS A 566 -10.90 -3.18 4.39
N PHE A 567 -11.43 -3.82 3.34
CA PHE A 567 -12.82 -4.25 3.32
C PHE A 567 -13.00 -5.73 3.67
N THR A 568 -12.25 -6.58 2.98
CA THR A 568 -12.35 -8.02 3.15
C THR A 568 -12.10 -8.50 4.58
N ARG A 569 -11.05 -8.00 5.23
CA ARG A 569 -10.79 -8.38 6.62
C ARG A 569 -11.87 -8.07 7.64
N PRO A 570 -12.29 -6.79 7.74
CA PRO A 570 -13.32 -6.48 8.73
C PRO A 570 -14.68 -7.06 8.38
N LEU A 571 -15.00 -7.24 7.10
CA LEU A 571 -16.24 -7.98 6.73
C LEU A 571 -16.24 -9.45 7.22
N PHE A 572 -15.19 -10.21 6.93
CA PHE A 572 -15.04 -11.54 7.45
C PHE A 572 -15.08 -11.53 8.98
N LYS A 573 -14.34 -10.63 9.63
CA LYS A 573 -14.36 -10.54 11.09
C LYS A 573 -15.77 -10.31 11.68
N ASP A 574 -16.48 -9.32 11.13
CA ASP A 574 -17.88 -9.09 11.51
C ASP A 574 -18.77 -10.29 11.28
N LEU A 575 -18.63 -10.94 10.13
CA LEU A 575 -19.45 -12.08 9.79
C LEU A 575 -19.14 -13.28 10.70
N ALA A 576 -17.87 -13.38 11.14
CA ALA A 576 -17.51 -14.41 12.09
C ALA A 576 -18.06 -14.12 13.48
N ALA A 577 -18.13 -12.83 13.86
CA ALA A 577 -18.65 -12.49 15.18
C ALA A 577 -20.18 -12.61 15.29
N PHE A 578 -20.89 -12.71 14.16
CA PHE A 578 -22.36 -12.77 14.18
C PHE A 578 -22.69 -14.27 14.16
N ASP A 579 -23.27 -14.78 15.24
CA ASP A 579 -23.48 -16.25 15.30
C ASP A 579 -24.21 -16.83 14.10
N LYS A 580 -25.15 -16.09 13.51
CA LYS A 580 -25.90 -16.59 12.37
C LYS A 580 -25.07 -16.79 11.10
N SER A 581 -23.98 -16.01 10.96
CA SER A 581 -23.15 -16.05 9.74
C SER A 581 -21.79 -16.74 10.00
N HIS A 582 -21.47 -17.01 11.26
CA HIS A 582 -20.16 -17.54 11.64
C HIS A 582 -19.75 -18.75 10.84
N ASP A 583 -20.60 -19.78 10.82
CA ASP A 583 -20.22 -21.00 10.14
C ASP A 583 -20.01 -20.74 8.64
N GLN A 584 -20.90 -19.97 8.02
CA GLN A 584 -20.80 -19.65 6.60
C GLN A 584 -19.55 -18.84 6.30
N ALA A 585 -19.23 -17.88 7.17
CA ALA A 585 -18.01 -17.08 7.00
C ALA A 585 -16.76 -17.97 6.95
N VAL A 586 -16.64 -18.91 7.89
CA VAL A 586 -15.47 -19.79 7.94
C VAL A 586 -15.45 -20.73 6.74
N ARG A 587 -16.59 -21.32 6.40
CA ARG A 587 -16.68 -22.20 5.23
C ARG A 587 -16.35 -21.43 3.95
N THR A 588 -16.80 -20.19 3.86
CA THR A 588 -16.58 -19.42 2.66
C THR A 588 -15.08 -19.16 2.49
N TYR A 589 -14.44 -18.75 3.58
CA TYR A 589 -13.00 -18.52 3.54
C TYR A 589 -12.29 -19.81 3.09
N GLN A 590 -12.64 -20.92 3.72
CA GLN A 590 -12.00 -22.20 3.40
C GLN A 590 -12.08 -22.52 1.92
N GLU A 591 -13.24 -22.29 1.31
CA GLU A 591 -13.45 -22.56 -0.12
C GLU A 591 -12.69 -21.63 -1.07
N HIS A 592 -12.54 -20.36 -0.66
CA HIS A 592 -11.91 -19.33 -1.49
C HIS A 592 -10.40 -19.16 -1.27
N LYS A 593 -9.95 -19.57 -0.09
CA LYS A 593 -8.58 -19.39 0.40
C LYS A 593 -7.49 -19.75 -0.63
N ALA A 594 -7.65 -20.89 -1.29
CA ALA A 594 -6.65 -21.34 -2.31
C ALA A 594 -6.51 -20.35 -3.47
N SER A 595 -7.61 -19.68 -3.80
CA SER A 595 -7.59 -18.74 -4.90
C SER A 595 -7.49 -17.28 -4.41
N MET A 596 -7.13 -17.11 -3.15
CA MET A 596 -6.94 -15.77 -2.58
C MET A 596 -5.50 -15.27 -2.77
N HIS A 597 -5.28 -13.96 -2.62
CA HIS A 597 -3.92 -13.46 -2.58
C HIS A 597 -3.23 -14.07 -1.34
N PRO A 598 -1.97 -14.54 -1.49
CA PRO A 598 -1.34 -15.24 -0.37
C PRO A 598 -1.29 -14.50 0.94
N VAL A 599 -1.10 -13.17 0.92
CA VAL A 599 -0.97 -12.42 2.14
C VAL A 599 -2.37 -12.22 2.75
N THR A 600 -3.34 -11.91 1.90
CA THR A 600 -4.72 -11.78 2.35
C THR A 600 -5.21 -13.10 2.94
N ALA A 601 -4.96 -14.22 2.24
CA ALA A 601 -5.31 -15.55 2.74
C ALA A 601 -4.76 -15.75 4.11
N MET A 602 -3.47 -15.43 4.31
CA MET A 602 -2.83 -15.63 5.59
C MET A 602 -3.49 -14.81 6.68
N LEU A 603 -3.82 -13.56 6.38
CA LEU A 603 -4.31 -12.65 7.43
C LEU A 603 -5.76 -12.88 7.80
N VAL A 604 -6.60 -13.20 6.82
CA VAL A 604 -8.00 -13.61 7.07
C VAL A 604 -8.08 -14.89 7.92
N GLY A 605 -7.20 -15.86 7.62
CA GLY A 605 -7.06 -17.09 8.42
C GLY A 605 -6.75 -16.86 9.88
N LYS A 606 -5.79 -15.97 10.16
CA LYS A 606 -5.51 -15.52 11.50
C LYS A 606 -6.70 -14.79 12.18
N ASP A 607 -7.29 -13.85 11.45
CA ASP A 607 -8.44 -13.12 11.95
C ASP A 607 -9.57 -14.03 12.39
N LEU A 608 -9.80 -15.10 11.62
CA LEU A 608 -10.92 -16.01 11.84
C LEU A 608 -10.54 -17.14 12.82
N LYS A 609 -9.25 -17.19 13.17
CA LYS A 609 -8.66 -18.33 13.92
C LYS A 609 -8.89 -19.68 13.25
N VAL A 610 -8.63 -19.73 11.94
CA VAL A 610 -8.83 -20.94 11.12
C VAL A 610 -7.54 -21.40 10.43
ZN ZN B . 0.94 4.94 1.43
YB YB C . -41.08 9.09 21.61
C2 RE2 D . 3.12 -0.10 11.93
C3 RE2 D . 4.38 0.41 12.22
C4 RE2 D . 5.44 0.15 11.38
C8 RE2 D . 4.98 -2.05 7.69
C7 RE2 D . 3.79 -2.01 8.69
C5 RE2 D . 5.24 -0.63 10.24
C6 RE2 D . 4.00 -1.17 9.95
C1 RE2 D . 2.94 -0.90 10.81
O17 RE2 D . 6.69 0.66 11.66
O16 RE2 D . 2.08 0.13 12.78
C9 RE2 D . 4.40 -2.57 6.39
C14 RE2 D . 3.85 -3.85 6.29
C13 RE2 D . 3.31 -4.30 5.08
C12 RE2 D . 3.31 -3.47 3.95
O15 RE2 D . 2.78 -3.91 2.74
C11 RE2 D . 3.86 -2.21 4.05
C10 RE2 D . 4.42 -1.76 5.26
C ACT E . -40.17 7.12 23.42
O ACT E . -39.77 8.33 23.83
OXT ACT E . -40.64 6.96 22.27
CH3 ACT E . -40.16 5.83 24.17
N1 IMD F . -14.03 7.20 11.19
C2 IMD F . -14.34 8.31 10.49
N3 IMD F . -15.20 9.07 11.24
C4 IMD F . -15.42 8.43 12.41
C5 IMD F . -14.70 7.24 12.37
#